data_5OY2
#
_entry.id   5OY2
#
_cell.length_a   51.115
_cell.length_b   58.021
_cell.length_c   60.853
_cell.angle_alpha   90.00
_cell.angle_beta   109.65
_cell.angle_gamma   90.00
#
_symmetry.space_group_name_H-M   'P 1 21 1'
#
loop_
_entity.id
_entity.type
_entity.pdbx_description
1 polymer 'UNSPECIFIC PEROXYGENASE'
2 non-polymer 'PROTOPORPHYRIN IX CONTAINING FE'
3 non-polymer 'MAGNESIUM ION'
4 non-polymer 'CHLORIDE ION'
5 non-polymer 2-acetamido-2-deoxy-beta-D-glucopyranose
6 non-polymer 'PHOSPHATE ION'
7 non-polymer 2,6-dimethoxyphenol
8 non-polymer GLYCEROL
9 water water
#
_entity_poly.entity_id   1
_entity_poly.type   'polypeptide(L)'
_entity_poly.pdbx_seq_one_letter_code
;EPGLPPGPLENSSAKLVNDEAHPWKPLRPGDIRGPCPGLNTLASHGYLPRNGVATPAQIINAVQEGFNFDNQAAIFATYA
AHLVDGNLITDLLSIGRKTRLTGPDPPPPASVGGLNEHGTFEGDASMTRGDAFFGNNHDFNETLFEQLVDYSNRFGGGKY
NLTVAGELRFKRIQDSIATNPNFSFVDFRFFTAYGETTFPANLFVDGRRDDGQLDMDAARSFFQFSRMPDDFFRAPSPRS
GTGVEVVVQAHPMQPGRNVGKINSYTVDPTSSDFSTPCLMYEKFVNITVKSLYPNPTVQLRKALNTNLDFLFQGVAAGCT
QVFPYGRD
;
_entity_poly.pdbx_strand_id   A
#
# COMPACT_ATOMS: atom_id res chain seq x y z
N GLU A 1 20.71 13.79 -5.35
CA GLU A 1 20.37 13.45 -3.92
C GLU A 1 19.23 12.41 -3.79
N PRO A 2 18.03 12.67 -4.37
CA PRO A 2 17.16 11.51 -4.53
C PRO A 2 17.82 10.54 -5.52
N GLY A 3 17.93 9.27 -5.16
CA GLY A 3 18.54 8.28 -6.05
C GLY A 3 17.59 7.96 -7.18
N LEU A 4 18.10 7.41 -8.27
N LEU A 4 18.09 7.41 -8.28
CA LEU A 4 17.22 6.99 -9.37
CA LEU A 4 17.20 6.97 -9.38
C LEU A 4 16.40 5.80 -8.93
C LEU A 4 16.38 5.80 -8.91
N PRO A 5 15.17 5.65 -9.46
CA PRO A 5 14.41 4.45 -9.15
C PRO A 5 15.16 3.20 -9.64
N PRO A 6 15.30 2.19 -8.78
CA PRO A 6 15.89 0.94 -9.24
C PRO A 6 15.15 0.34 -10.44
N GLY A 7 15.90 -0.40 -11.26
CA GLY A 7 15.30 -1.11 -12.37
C GLY A 7 14.77 -2.46 -11.91
N PRO A 8 14.15 -3.21 -12.84
CA PRO A 8 13.64 -4.55 -12.52
C PRO A 8 14.76 -5.53 -12.15
N LEU A 9 14.39 -6.61 -11.45
CA LEU A 9 15.34 -7.64 -11.08
C LEU A 9 16.02 -8.23 -12.30
N GLU A 10 17.33 -8.44 -12.19
CA GLU A 10 18.08 -9.12 -13.25
C GLU A 10 17.70 -10.61 -13.33
N ASN A 11 17.42 -11.20 -12.16
CA ASN A 11 16.98 -12.59 -12.06
C ASN A 11 15.75 -12.61 -11.15
N SER A 12 14.59 -12.90 -11.74
CA SER A 12 13.33 -12.86 -11.00
C SER A 12 12.77 -14.27 -10.67
N SER A 13 13.65 -15.27 -10.62
CA SER A 13 13.23 -16.62 -10.24
C SER A 13 12.78 -16.68 -8.79
N ALA A 14 11.96 -17.68 -8.48
CA ALA A 14 11.66 -17.99 -7.10
C ALA A 14 12.94 -18.42 -6.40
N LYS A 15 13.10 -17.98 -5.15
CA LYS A 15 14.25 -18.37 -4.35
C LYS A 15 13.90 -18.19 -2.90
N LEU A 16 14.68 -18.81 -2.04
CA LEU A 16 14.54 -18.63 -0.61
C LEU A 16 14.84 -17.18 -0.24
N VAL A 17 13.88 -16.51 0.39
CA VAL A 17 14.09 -15.13 0.86
C VAL A 17 14.16 -15.02 2.38
N ASN A 18 13.70 -16.05 3.09
CA ASN A 18 13.90 -16.13 4.53
C ASN A 18 15.21 -16.90 4.72
N ASP A 19 16.31 -16.21 4.48
CA ASP A 19 17.63 -16.83 4.43
C ASP A 19 18.56 -16.29 5.53
N GLU A 20 19.79 -16.78 5.54
CA GLU A 20 20.72 -16.45 6.63
C GLU A 20 20.99 -14.96 6.76
N ALA A 21 21.06 -14.27 5.63
CA ALA A 21 21.30 -12.82 5.61
C ALA A 21 20.07 -12.00 6.01
N HIS A 22 18.88 -12.60 6.00
CA HIS A 22 17.63 -11.88 6.28
C HIS A 22 16.75 -12.59 7.31
N PRO A 23 17.27 -12.75 8.54
CA PRO A 23 16.49 -13.40 9.59
C PRO A 23 15.43 -12.47 10.17
N TRP A 24 14.33 -13.05 10.63
CA TRP A 24 13.33 -12.30 11.36
C TRP A 24 13.90 -11.93 12.73
N LYS A 25 13.67 -10.70 13.15
CA LYS A 25 13.99 -10.28 14.50
C LYS A 25 12.82 -9.49 15.04
N PRO A 26 12.58 -9.58 16.37
CA PRO A 26 11.53 -8.81 16.99
C PRO A 26 11.86 -7.32 17.03
N LEU A 27 10.86 -6.51 17.32
CA LEU A 27 11.07 -5.07 17.39
C LEU A 27 11.92 -4.67 18.59
N ARG A 28 12.78 -3.68 18.36
CA ARG A 28 13.52 -2.98 19.41
C ARG A 28 12.75 -1.72 19.72
N PRO A 29 13.01 -1.09 20.89
CA PRO A 29 12.36 0.18 21.17
C PRO A 29 12.66 1.21 20.08
N GLY A 30 11.62 1.89 19.60
CA GLY A 30 11.76 2.87 18.53
C GLY A 30 11.58 2.34 17.12
N ASP A 31 11.56 1.02 16.93
CA ASP A 31 11.33 0.44 15.60
C ASP A 31 9.89 0.69 15.18
N ILE A 32 9.71 1.12 13.94
CA ILE A 32 8.41 1.53 13.42
C ILE A 32 7.85 0.49 12.46
N ARG A 33 6.60 0.08 12.71
CA ARG A 33 5.84 -0.74 11.77
C ARG A 33 4.49 -0.07 11.58
N GLY A 34 3.89 -0.27 10.42
CA GLY A 34 2.69 0.47 10.04
C GLY A 34 1.62 -0.40 9.42
N PRO A 35 0.83 0.18 8.52
CA PRO A 35 -0.35 -0.51 7.99
C PRO A 35 -0.08 -1.52 6.88
N CYS A 36 1.14 -1.57 6.37
CA CYS A 36 1.48 -2.46 5.25
C CYS A 36 2.23 -3.70 5.74
N PRO A 37 1.59 -4.88 5.66
CA PRO A 37 2.30 -6.09 6.09
C PRO A 37 3.50 -6.47 5.21
N GLY A 38 3.49 -6.04 3.95
CA GLY A 38 4.62 -6.28 3.04
C GLY A 38 5.87 -5.53 3.49
N LEU A 39 5.75 -4.22 3.63
CA LEU A 39 6.89 -3.42 4.09
C LEU A 39 7.28 -3.78 5.52
N ASN A 40 6.30 -4.04 6.38
CA ASN A 40 6.61 -4.45 7.75
C ASN A 40 7.50 -5.69 7.78
N THR A 41 7.14 -6.68 6.98
CA THR A 41 7.88 -7.94 6.91
C THR A 41 9.28 -7.72 6.36
N LEU A 42 9.41 -6.88 5.35
CA LEU A 42 10.72 -6.56 4.79
C LEU A 42 11.63 -5.89 5.83
N ALA A 43 11.07 -4.98 6.63
CA ALA A 43 11.83 -4.35 7.72
C ALA A 43 12.21 -5.38 8.80
N SER A 44 11.27 -6.26 9.15
CA SER A 44 11.54 -7.27 10.21
C SER A 44 12.46 -8.41 9.79
N HIS A 45 12.77 -8.50 8.49
CA HIS A 45 13.79 -9.42 7.97
C HIS A 45 15.05 -8.70 7.50
N GLY A 46 15.14 -7.40 7.70
CA GLY A 46 16.32 -6.65 7.31
C GLY A 46 16.49 -6.40 5.82
N TYR A 47 15.44 -6.62 5.02
CA TYR A 47 15.45 -6.17 3.62
C TYR A 47 15.34 -4.66 3.54
N LEU A 48 14.67 -4.07 4.53
CA LEU A 48 14.68 -2.64 4.80
C LEU A 48 15.37 -2.43 6.13
N PRO A 49 15.82 -1.18 6.41
CA PRO A 49 16.29 -0.88 7.76
C PRO A 49 15.28 -1.33 8.81
N ARG A 50 15.77 -2.00 9.85
CA ARG A 50 14.89 -2.61 10.85
C ARG A 50 14.09 -1.60 11.69
N ASN A 51 14.51 -0.33 11.70
CA ASN A 51 13.74 0.71 12.39
C ASN A 51 12.53 1.25 11.60
N GLY A 52 12.35 0.81 10.35
CA GLY A 52 11.18 1.19 9.57
C GLY A 52 11.24 2.54 8.89
N VAL A 53 12.44 3.11 8.77
CA VAL A 53 12.64 4.36 8.05
C VAL A 53 13.56 4.05 6.88
N ALA A 54 13.16 4.42 5.67
CA ALA A 54 13.89 4.02 4.47
C ALA A 54 13.79 5.04 3.36
N THR A 55 14.70 4.95 2.40
CA THR A 55 14.63 5.76 1.20
C THR A 55 13.72 5.07 0.18
N PRO A 56 13.19 5.83 -0.78
CA PRO A 56 12.40 5.22 -1.86
C PRO A 56 13.15 4.11 -2.60
N ALA A 57 14.43 4.32 -2.89
CA ALA A 57 15.23 3.30 -3.56
C ALA A 57 15.37 2.03 -2.72
N GLN A 58 15.55 2.18 -1.40
CA GLN A 58 15.59 1.03 -0.51
C GLN A 58 14.28 0.24 -0.54
N ILE A 59 13.16 0.97 -0.52
CA ILE A 59 11.84 0.34 -0.56
C ILE A 59 11.64 -0.44 -1.86
N ILE A 60 11.95 0.18 -2.99
CA ILE A 60 11.76 -0.48 -4.28
C ILE A 60 12.63 -1.74 -4.37
N ASN A 61 13.89 -1.62 -4.00
CA ASN A 61 14.78 -2.79 -4.00
C ASN A 61 14.27 -3.90 -3.09
N ALA A 62 13.76 -3.53 -1.91
CA ALA A 62 13.28 -4.51 -0.96
C ALA A 62 12.02 -5.24 -1.43
N VAL A 63 11.04 -4.53 -1.99
CA VAL A 63 9.80 -5.19 -2.44
C VAL A 63 10.07 -6.13 -3.61
N GLN A 64 11.03 -5.75 -4.46
CA GLN A 64 11.44 -6.59 -5.58
C GLN A 64 12.21 -7.82 -5.09
N GLU A 65 13.25 -7.59 -4.32
CA GLU A 65 14.12 -8.68 -3.87
C GLU A 65 13.40 -9.66 -2.95
N GLY A 66 12.67 -9.14 -1.96
CA GLY A 66 12.02 -9.98 -0.96
C GLY A 66 10.75 -10.66 -1.42
N PHE A 67 9.97 -10.01 -2.27
CA PHE A 67 8.65 -10.51 -2.66
C PHE A 67 8.37 -10.61 -4.17
N ASN A 68 9.29 -10.15 -5.02
CA ASN A 68 9.08 -10.10 -6.47
C ASN A 68 7.92 -9.18 -6.87
N PHE A 69 7.75 -8.09 -6.14
CA PHE A 69 6.81 -7.03 -6.55
C PHE A 69 7.34 -6.48 -7.87
N ASP A 70 6.47 -6.23 -8.84
CA ASP A 70 6.95 -5.76 -10.14
C ASP A 70 7.39 -4.30 -10.08
N ASN A 71 8.32 -3.97 -10.99
CA ASN A 71 9.01 -2.69 -10.98
C ASN A 71 8.09 -1.48 -11.16
N GLN A 72 7.15 -1.56 -12.10
CA GLN A 72 6.23 -0.44 -12.33
C GLN A 72 5.37 -0.17 -11.10
N ALA A 73 4.83 -1.24 -10.51
CA ALA A 73 4.00 -1.12 -9.32
C ALA A 73 4.81 -0.60 -8.13
N ALA A 74 6.04 -1.10 -8.00
CA ALA A 74 6.94 -0.66 -6.94
C ALA A 74 7.22 0.83 -7.03
N ILE A 75 7.51 1.29 -8.23
CA ILE A 75 7.81 2.69 -8.47
C ILE A 75 6.58 3.57 -8.19
N PHE A 76 5.44 3.21 -8.75
CA PHE A 76 4.25 4.03 -8.54
C PHE A 76 3.89 4.14 -7.05
N ALA A 77 3.82 3.01 -6.36
CA ALA A 77 3.42 3.01 -4.95
C ALA A 77 4.40 3.77 -4.08
N THR A 78 5.69 3.52 -4.29
CA THR A 78 6.72 4.08 -3.43
C THR A 78 6.80 5.60 -3.57
N TYR A 79 6.84 6.10 -4.80
CA TYR A 79 6.90 7.55 -5.01
C TYR A 79 5.60 8.25 -4.64
N ALA A 80 4.45 7.60 -4.82
CA ALA A 80 3.18 8.16 -4.34
C ALA A 80 3.22 8.33 -2.83
N ALA A 81 3.61 7.26 -2.13
CA ALA A 81 3.73 7.31 -0.68
C ALA A 81 4.74 8.35 -0.22
N HIS A 82 5.90 8.38 -0.86
CA HIS A 82 6.94 9.33 -0.47
C HIS A 82 6.49 10.79 -0.67
N LEU A 83 5.86 11.07 -1.80
CA LEU A 83 5.36 12.42 -2.08
C LEU A 83 4.42 12.95 -1.00
N VAL A 84 3.52 12.11 -0.51
CA VAL A 84 2.50 12.57 0.44
C VAL A 84 2.83 12.32 1.90
N ASP A 85 3.71 11.36 2.17
CA ASP A 85 4.04 10.93 3.55
C ASP A 85 5.51 11.03 3.96
N GLY A 86 6.41 11.22 2.99
CA GLY A 86 7.85 11.22 3.24
C GLY A 86 8.46 12.60 3.22
N ASN A 87 9.72 12.66 3.62
CA ASN A 87 10.47 13.90 3.61
C ASN A 87 11.26 13.99 2.31
N LEU A 88 10.88 14.95 1.47
CA LEU A 88 11.45 15.06 0.14
C LEU A 88 12.88 15.60 0.12
N ILE A 89 13.26 16.32 1.17
CA ILE A 89 14.62 16.87 1.26
C ILE A 89 15.60 15.80 1.73
N THR A 90 15.24 15.06 2.78
CA THR A 90 16.13 14.03 3.32
C THR A 90 16.01 12.70 2.58
N ASP A 91 14.97 12.55 1.77
CA ASP A 91 14.69 11.32 1.00
C ASP A 91 14.36 10.12 1.89
N LEU A 92 13.68 10.39 3.01
CA LEU A 92 13.34 9.35 3.98
C LEU A 92 11.84 9.27 4.20
N LEU A 93 11.35 8.05 4.35
CA LEU A 93 9.94 7.76 4.57
C LEU A 93 9.81 6.77 5.70
N SER A 94 8.91 7.06 6.64
CA SER A 94 8.54 6.12 7.67
C SER A 94 7.46 5.19 7.16
N ILE A 95 7.63 3.89 7.39
CA ILE A 95 6.62 2.91 7.02
C ILE A 95 5.46 2.84 8.02
N GLY A 96 5.48 3.68 9.06
CA GLY A 96 4.40 3.74 10.03
C GLY A 96 4.18 5.13 10.54
N ARG A 97 4.37 5.34 11.84
N ARG A 97 4.37 5.33 11.84
CA ARG A 97 4.07 6.61 12.47
CA ARG A 97 4.08 6.60 12.48
C ARG A 97 5.04 7.71 12.07
C ARG A 97 5.04 7.71 12.08
N LYS A 98 4.59 8.94 12.29
CA LYS A 98 5.42 10.12 12.10
C LYS A 98 6.59 10.04 13.08
N THR A 99 7.76 10.41 12.60
CA THR A 99 8.97 10.29 13.40
C THR A 99 9.93 11.41 13.07
N ARG A 100 10.64 11.87 14.10
CA ARG A 100 11.73 12.85 13.91
C ARG A 100 12.88 12.27 13.09
N LEU A 101 12.94 10.95 12.97
CA LEU A 101 13.98 10.29 12.17
C LEU A 101 13.94 10.60 10.67
N THR A 102 12.83 11.10 10.14
CA THR A 102 12.82 11.54 8.74
C THR A 102 13.40 12.95 8.52
N GLY A 103 13.77 13.63 9.60
CA GLY A 103 14.51 14.89 9.51
C GLY A 103 13.66 16.12 9.71
N PRO A 104 14.25 17.31 9.49
CA PRO A 104 13.54 18.58 9.65
C PRO A 104 12.33 18.66 8.72
N ASP A 105 11.18 19.00 9.28
CA ASP A 105 9.94 19.01 8.52
C ASP A 105 9.84 20.21 7.59
N PRO A 106 9.11 20.04 6.47
CA PRO A 106 8.74 21.16 5.62
C PRO A 106 7.63 21.96 6.29
N PRO A 107 7.29 23.13 5.72
CA PRO A 107 6.23 23.92 6.34
C PRO A 107 4.86 23.27 6.19
N PRO A 108 3.92 23.65 7.06
CA PRO A 108 2.52 23.31 6.84
C PRO A 108 2.08 23.88 5.50
N PRO A 109 1.16 23.24 4.79
CA PRO A 109 0.29 22.15 5.25
C PRO A 109 0.83 20.72 5.08
N ALA A 110 2.06 20.55 4.60
CA ALA A 110 2.66 19.22 4.47
C ALA A 110 2.81 18.61 5.87
N SER A 111 2.52 17.31 5.98
CA SER A 111 2.48 16.63 7.28
C SER A 111 3.65 15.67 7.54
N VAL A 112 4.23 15.09 6.48
CA VAL A 112 5.32 14.09 6.58
C VAL A 112 5.01 13.12 7.72
N GLY A 113 3.83 12.51 7.63
CA GLY A 113 3.28 11.72 8.72
C GLY A 113 3.56 10.24 8.66
N GLY A 114 4.35 9.80 7.70
CA GLY A 114 4.59 8.38 7.50
C GLY A 114 3.38 7.69 6.88
N LEU A 115 3.51 6.40 6.62
CA LEU A 115 2.39 5.64 6.06
C LEU A 115 1.15 5.61 6.96
N ASN A 116 1.30 5.86 8.25
CA ASN A 116 0.14 5.96 9.15
C ASN A 116 -0.75 7.16 8.89
N GLU A 117 -0.31 8.15 8.13
CA GLU A 117 -1.10 9.36 7.92
C GLU A 117 -2.38 9.02 7.18
N HIS A 118 -3.52 9.30 7.81
CA HIS A 118 -4.79 8.95 7.23
C HIS A 118 -5.17 9.87 6.08
N GLY A 119 -5.64 9.29 4.98
CA GLY A 119 -6.23 10.04 3.90
C GLY A 119 -5.29 10.50 2.80
N THR A 120 -4.00 10.20 2.95
CA THR A 120 -3.01 10.52 1.93
C THR A 120 -2.79 9.28 1.07
N PHE A 121 -2.23 8.24 1.66
CA PHE A 121 -2.13 6.91 1.04
C PHE A 121 -3.07 5.97 1.80
N GLU A 122 -2.85 5.82 3.10
CA GLU A 122 -3.69 4.98 3.95
C GLU A 122 -5.16 5.44 3.91
N GLY A 123 -6.07 4.46 3.91
CA GLY A 123 -7.48 4.77 3.98
C GLY A 123 -8.35 3.65 4.52
N ASP A 124 -9.65 3.88 4.41
CA ASP A 124 -10.65 3.06 5.09
C ASP A 124 -10.89 1.70 4.43
N ALA A 125 -11.58 0.83 5.18
CA ALA A 125 -11.96 -0.51 4.74
C ALA A 125 -10.76 -1.41 4.44
N SER A 126 -9.69 -1.24 5.22
CA SER A 126 -8.57 -2.17 5.21
C SER A 126 -9.02 -3.53 5.74
N MET A 127 -8.32 -4.59 5.38
CA MET A 127 -8.74 -5.94 5.76
C MET A 127 -8.47 -6.28 7.22
N THR A 128 -7.27 -5.95 7.69
CA THR A 128 -6.82 -6.34 9.03
C THR A 128 -6.51 -5.17 9.96
N ARG A 129 -6.72 -3.95 9.47
CA ARG A 129 -6.52 -2.71 10.25
C ARG A 129 -7.85 -1.99 10.28
N GLY A 130 -8.15 -1.35 11.40
CA GLY A 130 -9.40 -0.58 11.53
C GLY A 130 -9.31 0.77 10.86
N ASP A 131 -10.47 1.35 10.53
CA ASP A 131 -10.52 2.70 10.00
C ASP A 131 -10.01 3.69 11.04
N ALA A 132 -9.39 4.77 10.56
CA ALA A 132 -8.85 5.80 11.45
C ALA A 132 -9.87 6.37 12.42
N PHE A 133 -11.13 6.50 11.98
CA PHE A 133 -12.20 6.99 12.84
C PHE A 133 -12.31 6.20 14.15
N PHE A 134 -12.01 4.90 14.10
CA PHE A 134 -12.14 4.04 15.28
C PHE A 134 -10.91 4.01 16.18
N GLY A 135 -9.88 4.79 15.85
CA GLY A 135 -8.78 5.07 16.79
C GLY A 135 -7.41 4.52 16.45
N ASN A 136 -7.31 3.61 15.47
CA ASN A 136 -6.04 2.99 15.15
C ASN A 136 -6.06 2.40 13.75
N ASN A 137 -5.41 3.06 12.81
CA ASN A 137 -5.41 2.63 11.41
C ASN A 137 -4.19 1.79 11.01
N HIS A 138 -3.39 1.35 11.98
CA HIS A 138 -2.08 0.77 11.66
C HIS A 138 -1.78 -0.57 12.34
N ASP A 139 -2.22 -0.76 13.57
CA ASP A 139 -1.92 -2.01 14.26
C ASP A 139 -2.77 -3.17 13.73
N PHE A 140 -2.19 -4.35 13.75
CA PHE A 140 -2.92 -5.58 13.46
C PHE A 140 -4.12 -5.68 14.40
N ASN A 141 -5.28 -6.02 13.83
CA ASN A 141 -6.51 -6.18 14.59
C ASN A 141 -6.96 -7.64 14.52
N GLU A 142 -6.99 -8.29 15.68
CA GLU A 142 -7.33 -9.71 15.77
C GLU A 142 -8.75 -10.02 15.33
N THR A 143 -9.72 -9.21 15.73
CA THR A 143 -11.11 -9.40 15.30
C THR A 143 -11.24 -9.35 13.78
N LEU A 144 -10.61 -8.37 13.15
CA LEU A 144 -10.63 -8.26 11.69
C LEU A 144 -9.90 -9.43 11.04
N PHE A 145 -8.77 -9.85 11.61
CA PHE A 145 -8.09 -11.02 11.08
C PHE A 145 -8.96 -12.29 11.20
N GLU A 146 -9.65 -12.46 12.32
CA GLU A 146 -10.54 -13.61 12.48
C GLU A 146 -11.69 -13.61 11.46
N GLN A 147 -12.14 -12.42 11.06
CA GLN A 147 -13.11 -12.30 9.99
C GLN A 147 -12.50 -12.72 8.64
N LEU A 148 -11.25 -12.34 8.40
CA LEU A 148 -10.54 -12.80 7.21
C LEU A 148 -10.46 -14.33 7.19
N VAL A 149 -10.18 -14.93 8.35
CA VAL A 149 -10.16 -16.40 8.49
C VAL A 149 -11.53 -16.99 8.19
N ASP A 150 -12.57 -16.39 8.74
CA ASP A 150 -13.93 -16.84 8.49
C ASP A 150 -14.29 -16.78 7.00
N TYR A 151 -13.97 -15.67 6.35
CA TYR A 151 -14.21 -15.52 4.91
C TYR A 151 -13.39 -16.52 4.09
N SER A 152 -12.16 -16.81 4.54
CA SER A 152 -11.35 -17.85 3.91
C SER A 152 -11.97 -19.24 4.06
N ASN A 153 -12.50 -19.54 5.23
CA ASN A 153 -13.23 -20.79 5.46
C ASN A 153 -14.49 -20.91 4.60
N ARG A 154 -15.22 -19.81 4.47
CA ARG A 154 -16.49 -19.82 3.72
C ARG A 154 -16.33 -19.81 2.20
N PHE A 155 -15.32 -19.09 1.71
CA PHE A 155 -15.17 -18.86 0.26
C PHE A 155 -13.90 -19.40 -0.37
N GLY A 156 -12.96 -19.87 0.45
CA GLY A 156 -11.66 -20.32 -0.06
C GLY A 156 -11.24 -21.70 0.43
N GLY A 157 -12.17 -22.48 0.97
CA GLY A 157 -11.85 -23.80 1.49
C GLY A 157 -10.82 -23.77 2.61
N GLY A 158 -10.80 -22.68 3.36
CA GLY A 158 -9.83 -22.49 4.43
C GLY A 158 -8.62 -21.66 4.05
N LYS A 159 -8.48 -21.33 2.77
CA LYS A 159 -7.38 -20.51 2.26
C LYS A 159 -7.89 -19.17 1.78
N TYR A 160 -7.00 -18.17 1.78
CA TYR A 160 -7.31 -16.88 1.19
C TYR A 160 -6.93 -16.93 -0.28
N ASN A 161 -7.92 -16.65 -1.13
CA ASN A 161 -7.69 -16.57 -2.56
C ASN A 161 -8.50 -15.41 -3.15
N LEU A 162 -8.47 -15.21 -4.47
CA LEU A 162 -9.17 -14.06 -5.06
C LEU A 162 -10.68 -14.06 -4.83
N THR A 163 -11.30 -15.23 -4.73
CA THR A 163 -12.73 -15.30 -4.44
C THR A 163 -13.00 -14.75 -3.02
N VAL A 164 -12.15 -15.14 -2.09
CA VAL A 164 -12.25 -14.64 -0.72
C VAL A 164 -12.05 -13.12 -0.71
N ALA A 165 -11.04 -12.65 -1.43
CA ALA A 165 -10.76 -11.22 -1.56
C ALA A 165 -12.00 -10.46 -2.04
N GLY A 166 -12.66 -10.98 -3.06
CA GLY A 166 -13.88 -10.36 -3.58
C GLY A 166 -14.97 -10.19 -2.54
N GLU A 167 -15.18 -11.21 -1.73
CA GLU A 167 -16.21 -11.16 -0.70
C GLU A 167 -15.81 -10.29 0.47
N LEU A 168 -14.56 -10.41 0.92
CA LEU A 168 -14.11 -9.65 2.09
C LEU A 168 -13.99 -8.14 1.79
N ARG A 169 -13.49 -7.81 0.61
CA ARG A 169 -13.42 -6.41 0.18
C ARG A 169 -14.78 -5.73 0.31
N PHE A 170 -15.81 -6.39 -0.21
CA PHE A 170 -17.18 -5.88 -0.12
C PHE A 170 -17.68 -5.79 1.32
N LYS A 171 -17.45 -6.84 2.12
N LYS A 171 -17.44 -6.83 2.12
CA LYS A 171 -17.86 -6.84 3.52
CA LYS A 171 -17.85 -6.85 3.52
C LYS A 171 -17.27 -5.66 4.28
C LYS A 171 -17.27 -5.67 4.31
N ARG A 172 -15.98 -5.39 4.08
CA ARG A 172 -15.31 -4.29 4.79
C ARG A 172 -15.85 -2.92 4.38
N ILE A 173 -16.16 -2.74 3.10
CA ILE A 173 -16.83 -1.54 2.61
C ILE A 173 -18.19 -1.37 3.29
N GLN A 174 -18.98 -2.44 3.30
N GLN A 174 -18.99 -2.45 3.28
CA GLN A 174 -20.32 -2.37 3.87
CA GLN A 174 -20.33 -2.42 3.89
C GLN A 174 -20.29 -2.10 5.38
C GLN A 174 -20.27 -2.08 5.37
N ASP A 175 -19.31 -2.67 6.08
CA ASP A 175 -19.16 -2.43 7.52
C ASP A 175 -18.75 -0.98 7.81
N SER A 176 -17.83 -0.43 7.00
CA SER A 176 -17.48 0.99 7.13
C SER A 176 -18.67 1.91 6.81
N ILE A 177 -19.46 1.58 5.80
CA ILE A 177 -20.65 2.38 5.50
C ILE A 177 -21.60 2.41 6.70
N ALA A 178 -21.77 1.25 7.34
CA ALA A 178 -22.70 1.09 8.44
C ALA A 178 -22.26 1.70 9.75
N THR A 179 -20.96 1.95 9.93
CA THR A 179 -20.41 2.35 11.24
C THR A 179 -19.48 3.56 11.27
N ASN A 180 -18.89 3.93 10.14
CA ASN A 180 -17.95 5.04 10.09
C ASN A 180 -18.62 6.22 9.36
N PRO A 181 -19.09 7.24 10.12
CA PRO A 181 -19.76 8.37 9.46
C PRO A 181 -18.87 9.20 8.56
N ASN A 182 -17.56 9.03 8.69
CA ASN A 182 -16.58 9.73 7.88
C ASN A 182 -15.95 8.85 6.79
N PHE A 183 -16.53 7.68 6.55
CA PHE A 183 -15.99 6.73 5.56
C PHE A 183 -15.76 7.41 4.22
N SER A 184 -14.57 7.25 3.67
CA SER A 184 -14.22 7.84 2.38
C SER A 184 -13.66 6.75 1.47
N PHE A 185 -14.17 6.68 0.24
CA PHE A 185 -13.79 5.61 -0.67
C PHE A 185 -13.75 6.14 -2.09
N VAL A 186 -12.85 7.10 -2.31
CA VAL A 186 -12.72 7.78 -3.59
C VAL A 186 -11.27 7.79 -4.06
N ASP A 187 -11.09 8.10 -5.34
CA ASP A 187 -9.79 8.37 -5.94
C ASP A 187 -8.72 7.36 -5.56
N PHE A 188 -7.61 7.78 -4.95
CA PHE A 188 -6.46 6.90 -4.75
C PHE A 188 -6.81 5.69 -3.88
N ARG A 189 -7.58 5.92 -2.82
CA ARG A 189 -7.99 4.83 -1.94
C ARG A 189 -8.92 3.83 -2.61
N PHE A 190 -9.83 4.32 -3.44
CA PHE A 190 -10.71 3.45 -4.22
C PHE A 190 -9.89 2.44 -5.02
N PHE A 191 -8.81 2.90 -5.66
CA PHE A 191 -7.93 2.00 -6.41
C PHE A 191 -7.15 1.05 -5.52
N THR A 192 -6.44 1.58 -4.52
CA THR A 192 -5.54 0.76 -3.70
C THR A 192 -6.30 -0.26 -2.84
N ALA A 193 -7.51 0.07 -2.43
CA ALA A 193 -8.33 -0.85 -1.64
C ALA A 193 -8.60 -2.15 -2.38
N TYR A 194 -8.74 -2.08 -3.71
CA TYR A 194 -8.94 -3.29 -4.51
C TYR A 194 -7.64 -4.02 -4.73
N GLY A 195 -6.61 -3.31 -5.18
CA GLY A 195 -5.31 -3.92 -5.43
C GLY A 195 -4.73 -4.66 -4.24
N GLU A 196 -4.79 -4.04 -3.06
N GLU A 196 -4.78 -4.05 -3.06
CA GLU A 196 -4.20 -4.62 -1.86
CA GLU A 196 -4.19 -4.65 -1.86
C GLU A 196 -4.78 -5.99 -1.49
C GLU A 196 -4.79 -5.99 -1.47
N THR A 197 -6.05 -6.24 -1.83
CA THR A 197 -6.69 -7.52 -1.52
C THR A 197 -6.14 -8.68 -2.37
N THR A 198 -5.48 -8.38 -3.49
CA THR A 198 -4.85 -9.42 -4.30
C THR A 198 -3.46 -9.79 -3.78
N PHE A 199 -2.81 -8.88 -3.07
CA PHE A 199 -1.42 -9.08 -2.68
C PHE A 199 -1.16 -10.32 -1.82
N PRO A 200 -2.04 -10.67 -0.87
CA PRO A 200 -1.75 -11.89 -0.12
C PRO A 200 -1.78 -13.15 -0.99
N ALA A 201 -2.67 -13.18 -1.97
CA ALA A 201 -2.76 -14.31 -2.91
C ALA A 201 -1.59 -14.35 -3.89
N ASN A 202 -1.10 -13.19 -4.30
CA ASN A 202 -0.06 -13.10 -5.33
C ASN A 202 1.36 -13.12 -4.78
N LEU A 203 1.54 -12.66 -3.55
CA LEU A 203 2.87 -12.38 -3.00
C LEU A 203 3.20 -13.07 -1.68
N PHE A 204 2.20 -13.44 -0.88
CA PHE A 204 2.46 -14.17 0.38
C PHE A 204 2.38 -15.69 0.22
N VAL A 205 2.03 -16.15 -0.98
CA VAL A 205 2.00 -17.58 -1.29
C VAL A 205 3.40 -18.00 -1.73
N ASP A 206 3.93 -19.05 -1.10
CA ASP A 206 5.27 -19.56 -1.42
C ASP A 206 5.41 -19.75 -2.93
N GLY A 207 6.48 -19.20 -3.49
CA GLY A 207 6.71 -19.17 -4.94
C GLY A 207 6.90 -20.50 -5.64
N ARG A 208 7.20 -21.55 -4.88
CA ARG A 208 7.27 -22.91 -5.44
C ARG A 208 5.89 -23.45 -5.77
N ARG A 209 4.86 -22.93 -5.11
N ARG A 209 4.87 -22.91 -5.12
CA ARG A 209 3.47 -23.26 -5.40
CA ARG A 209 3.50 -23.26 -5.39
C ARG A 209 2.85 -22.23 -6.33
C ARG A 209 2.84 -22.24 -6.31
N ASP A 210 2.87 -20.96 -5.92
CA ASP A 210 2.27 -19.85 -6.70
C ASP A 210 0.85 -20.15 -7.19
N ASP A 211 0.06 -20.77 -6.31
CA ASP A 211 -1.26 -21.26 -6.66
C ASP A 211 -2.40 -20.33 -6.24
N GLY A 212 -2.04 -19.19 -5.66
CA GLY A 212 -3.03 -18.21 -5.23
C GLY A 212 -3.83 -18.59 -4.00
N GLN A 213 -3.40 -19.61 -3.25
CA GLN A 213 -4.14 -20.11 -2.10
C GLN A 213 -3.27 -19.93 -0.86
N LEU A 214 -3.54 -18.87 -0.10
CA LEU A 214 -2.72 -18.55 1.07
C LEU A 214 -3.29 -19.23 2.31
N ASP A 215 -2.47 -20.03 3.00
CA ASP A 215 -2.92 -20.68 4.23
C ASP A 215 -2.94 -19.69 5.39
N MET A 216 -3.75 -19.98 6.40
CA MET A 216 -3.95 -19.05 7.52
C MET A 216 -2.77 -18.91 8.47
N ASP A 217 -1.92 -19.93 8.56
CA ASP A 217 -0.70 -19.84 9.37
C ASP A 217 0.26 -18.82 8.74
N ALA A 218 0.49 -18.93 7.44
CA ALA A 218 1.29 -17.96 6.72
C ALA A 218 0.66 -16.57 6.79
N ALA A 219 -0.66 -16.50 6.60
CA ALA A 219 -1.36 -15.22 6.65
C ALA A 219 -1.15 -14.52 7.99
N ARG A 220 -1.33 -15.24 9.09
CA ARG A 220 -1.11 -14.64 10.41
C ARG A 220 0.35 -14.20 10.58
N SER A 221 1.27 -15.03 10.11
CA SER A 221 2.69 -14.73 10.25
C SER A 221 3.02 -13.39 9.60
N PHE A 222 2.54 -13.15 8.38
CA PHE A 222 2.76 -11.88 7.70
C PHE A 222 1.96 -10.74 8.32
N PHE A 223 0.65 -10.91 8.44
CA PHE A 223 -0.25 -9.83 8.86
C PHE A 223 -0.04 -9.36 10.29
N GLN A 224 0.24 -10.29 11.20
CA GLN A 224 0.40 -9.96 12.62
C GLN A 224 1.86 -9.76 13.00
N PHE A 225 2.72 -10.69 12.62
CA PHE A 225 4.10 -10.71 13.13
C PHE A 225 5.17 -10.20 12.18
N SER A 226 4.77 -9.79 10.98
CA SER A 226 5.70 -9.29 9.97
C SER A 226 6.81 -10.31 9.71
N ARG A 227 6.43 -11.58 9.62
N ARG A 227 6.43 -11.58 9.62
CA ARG A 227 7.38 -12.68 9.63
CA ARG A 227 7.38 -12.68 9.63
C ARG A 227 7.09 -13.64 8.49
C ARG A 227 7.09 -13.64 8.49
N MET A 228 8.11 -13.90 7.67
CA MET A 228 8.02 -14.89 6.62
C MET A 228 7.99 -16.26 7.27
N PRO A 229 7.17 -17.17 6.72
CA PRO A 229 7.27 -18.56 7.15
C PRO A 229 8.68 -19.11 7.00
N ASP A 230 9.02 -20.07 7.84
CA ASP A 230 10.29 -20.77 7.74
C ASP A 230 10.38 -21.36 6.33
N ASP A 231 11.52 -21.13 5.68
CA ASP A 231 11.82 -21.62 4.32
C ASP A 231 11.01 -20.93 3.21
N PHE A 232 10.51 -19.71 3.47
CA PHE A 232 9.67 -19.03 2.49
C PHE A 232 10.44 -18.67 1.22
N PHE A 233 9.89 -19.12 0.08
CA PHE A 233 10.37 -18.73 -1.24
C PHE A 233 9.46 -17.63 -1.76
N ARG A 234 10.05 -16.57 -2.30
CA ARG A 234 9.28 -15.53 -2.98
C ARG A 234 8.65 -16.07 -4.25
N ALA A 235 7.68 -15.29 -4.75
CA ALA A 235 7.00 -15.57 -6.01
C ALA A 235 7.98 -15.79 -7.16
N PRO A 236 7.58 -16.61 -8.16
CA PRO A 236 8.48 -17.02 -9.25
C PRO A 236 8.62 -16.04 -10.41
N SER A 237 7.93 -14.91 -10.36
CA SER A 237 8.00 -13.89 -11.40
C SER A 237 7.51 -12.57 -10.81
N PRO A 238 7.80 -11.43 -11.49
CA PRO A 238 7.34 -10.17 -10.93
C PRO A 238 5.84 -9.99 -11.10
N ARG A 239 5.18 -9.55 -10.04
CA ARG A 239 3.74 -9.29 -10.08
C ARG A 239 3.32 -8.40 -8.93
N SER A 240 2.12 -7.84 -9.05
CA SER A 240 1.53 -7.06 -7.97
C SER A 240 0.05 -7.39 -7.88
N GLY A 241 -0.77 -6.71 -8.69
CA GLY A 241 -2.22 -6.78 -8.57
C GLY A 241 -2.97 -7.66 -9.54
N THR A 242 -2.32 -8.66 -10.11
N THR A 242 -2.32 -8.70 -10.07
CA THR A 242 -3.01 -9.48 -11.10
CA THR A 242 -2.98 -9.64 -10.99
C THR A 242 -4.15 -10.24 -10.40
C THR A 242 -4.21 -10.20 -10.33
N GLY A 243 -5.31 -10.25 -11.07
CA GLY A 243 -6.54 -10.82 -10.53
C GLY A 243 -7.45 -9.82 -9.86
N VAL A 244 -7.06 -8.54 -9.82
CA VAL A 244 -7.91 -7.51 -9.22
C VAL A 244 -9.29 -7.45 -9.90
N GLU A 245 -9.34 -7.76 -11.20
CA GLU A 245 -10.61 -7.83 -11.91
C GLU A 245 -11.62 -8.81 -11.28
N VAL A 246 -11.14 -9.90 -10.71
CA VAL A 246 -12.00 -10.88 -10.00
C VAL A 246 -12.64 -10.24 -8.77
N VAL A 247 -11.83 -9.47 -8.06
CA VAL A 247 -12.26 -8.82 -6.83
C VAL A 247 -13.33 -7.78 -7.14
N VAL A 248 -13.10 -6.97 -8.16
CA VAL A 248 -14.08 -5.95 -8.58
C VAL A 248 -15.38 -6.60 -9.08
N GLN A 249 -15.25 -7.60 -9.96
N GLN A 249 -15.23 -7.60 -9.97
CA GLN A 249 -16.39 -8.26 -10.56
CA GLN A 249 -16.39 -8.28 -10.57
C GLN A 249 -17.33 -8.91 -9.55
C GLN A 249 -17.32 -8.94 -9.56
N ALA A 250 -16.78 -9.34 -8.42
CA ALA A 250 -17.59 -9.95 -7.36
C ALA A 250 -18.68 -9.00 -6.83
N HIS A 251 -18.34 -7.72 -6.68
CA HIS A 251 -19.26 -6.71 -6.13
C HIS A 251 -18.88 -5.33 -6.66
N PRO A 252 -19.20 -5.03 -7.93
CA PRO A 252 -18.77 -3.74 -8.46
C PRO A 252 -19.35 -2.57 -7.68
N MET A 253 -18.49 -1.60 -7.37
CA MET A 253 -18.84 -0.44 -6.55
C MET A 253 -18.47 0.83 -7.27
N GLN A 254 -19.20 1.90 -6.96
CA GLN A 254 -18.87 3.25 -7.40
C GLN A 254 -18.11 3.94 -6.26
N PRO A 255 -17.18 4.85 -6.61
CA PRO A 255 -16.50 5.63 -5.56
C PRO A 255 -17.45 6.61 -4.89
N GLY A 256 -17.26 6.82 -3.59
CA GLY A 256 -18.12 7.69 -2.82
C GLY A 256 -17.69 7.78 -1.38
N ARG A 257 -18.56 8.35 -0.57
CA ARG A 257 -18.26 8.56 0.84
C ARG A 257 -19.55 8.66 1.63
N ASN A 258 -19.47 8.32 2.91
CA ASN A 258 -20.51 8.73 3.84
C ASN A 258 -20.41 10.23 4.01
N VAL A 259 -21.52 10.89 4.33
CA VAL A 259 -21.58 12.35 4.35
C VAL A 259 -21.86 12.87 5.76
N GLY A 260 -21.04 12.43 6.70
CA GLY A 260 -21.12 12.86 8.10
C GLY A 260 -22.03 12.03 8.96
N LYS A 261 -22.62 10.98 8.39
CA LYS A 261 -23.48 10.06 9.12
C LYS A 261 -23.27 8.66 8.58
N ILE A 262 -23.58 7.67 9.40
CA ILE A 262 -23.60 6.30 8.94
C ILE A 262 -24.71 6.09 7.90
N ASN A 263 -24.53 5.08 7.05
CA ASN A 263 -25.52 4.70 6.04
C ASN A 263 -25.96 5.88 5.17
N SER A 264 -24.98 6.65 4.71
CA SER A 264 -25.27 7.81 3.86
C SER A 264 -24.31 7.82 2.66
N TYR A 265 -23.96 6.65 2.15
CA TYR A 265 -22.94 6.55 1.11
C TYR A 265 -23.42 7.24 -0.15
N THR A 266 -22.65 8.24 -0.58
CA THR A 266 -23.05 9.13 -1.64
C THR A 266 -21.95 9.09 -2.70
N VAL A 267 -22.34 8.75 -3.92
CA VAL A 267 -21.40 8.60 -5.02
C VAL A 267 -20.81 9.97 -5.39
N ASP A 268 -19.50 9.98 -5.66
CA ASP A 268 -18.80 11.18 -6.03
C ASP A 268 -18.48 11.11 -7.53
N PRO A 269 -19.21 11.89 -8.36
CA PRO A 269 -18.93 11.89 -9.80
C PRO A 269 -17.64 12.60 -10.22
N THR A 270 -17.00 13.32 -9.31
N THR A 270 -17.01 13.33 -9.30
CA THR A 270 -15.71 13.94 -9.58
CA THR A 270 -15.71 13.96 -9.54
C THR A 270 -14.53 13.00 -9.29
C THR A 270 -14.54 12.99 -9.29
N SER A 271 -14.80 11.87 -8.63
CA SER A 271 -13.77 10.85 -8.39
C SER A 271 -13.40 10.13 -9.68
N SER A 272 -12.15 9.70 -9.75
CA SER A 272 -11.75 8.71 -10.73
C SER A 272 -12.37 7.37 -10.35
N ASP A 273 -12.41 6.47 -11.31
CA ASP A 273 -12.80 5.08 -11.05
C ASP A 273 -11.99 4.23 -12.02
N PHE A 274 -12.30 2.95 -12.14
CA PHE A 274 -11.49 2.07 -13.01
C PHE A 274 -11.62 2.36 -14.51
N SER A 275 -12.63 3.14 -14.90
CA SER A 275 -12.76 3.60 -16.28
C SER A 275 -11.86 4.81 -16.59
N THR A 276 -11.30 5.45 -15.56
CA THR A 276 -10.46 6.65 -15.74
C THR A 276 -9.16 6.59 -14.93
N PRO A 277 -8.28 5.62 -15.24
CA PRO A 277 -7.04 5.50 -14.49
C PRO A 277 -6.11 6.73 -14.59
N CYS A 278 -6.09 7.41 -15.73
CA CYS A 278 -5.23 8.59 -15.87
C CYS A 278 -5.72 9.75 -15.00
N LEU A 279 -7.03 9.87 -14.83
CA LEU A 279 -7.59 10.86 -13.90
C LEU A 279 -7.14 10.64 -12.45
N MET A 280 -7.01 9.39 -12.04
N MET A 280 -7.01 9.38 -12.04
CA MET A 280 -6.51 9.07 -10.69
CA MET A 280 -6.51 9.07 -10.69
C MET A 280 -5.11 9.63 -10.49
C MET A 280 -5.11 9.63 -10.49
N TYR A 281 -4.24 9.43 -11.47
CA TYR A 281 -2.88 10.00 -11.44
C TYR A 281 -2.93 11.54 -11.43
N GLU A 282 -3.74 12.12 -12.32
CA GLU A 282 -3.79 13.59 -12.43
C GLU A 282 -4.29 14.26 -11.17
N LYS A 283 -5.33 13.71 -10.56
CA LYS A 283 -5.85 14.26 -9.31
C LYS A 283 -4.87 14.06 -8.16
N PHE A 284 -4.20 12.92 -8.13
CA PHE A 284 -3.20 12.68 -7.09
C PHE A 284 -2.14 13.77 -7.09
N VAL A 285 -1.65 14.13 -8.27
CA VAL A 285 -0.62 15.16 -8.39
C VAL A 285 -1.19 16.57 -8.22
N ASN A 286 -2.22 16.89 -9.01
CA ASN A 286 -2.79 18.25 -9.02
C ASN A 286 -3.49 18.67 -7.75
N ILE A 287 -4.09 17.70 -7.05
CA ILE A 287 -4.87 18.00 -5.85
C ILE A 287 -4.14 17.53 -4.60
N THR A 288 -3.85 16.24 -4.50
CA THR A 288 -3.31 15.69 -3.26
C THR A 288 -1.91 16.23 -2.97
N VAL A 289 -0.98 16.08 -3.91
CA VAL A 289 0.41 16.52 -3.69
C VAL A 289 0.46 18.04 -3.62
N LYS A 290 -0.17 18.71 -4.59
CA LYS A 290 -0.17 20.17 -4.63
C LYS A 290 -0.74 20.82 -3.37
N SER A 291 -1.79 20.25 -2.79
CA SER A 291 -2.36 20.80 -1.57
C SER A 291 -1.43 20.71 -0.35
N LEU A 292 -0.54 19.71 -0.33
CA LEU A 292 0.47 19.58 0.73
C LEU A 292 1.62 20.57 0.55
N TYR A 293 1.91 20.90 -0.71
CA TYR A 293 3.00 21.80 -1.07
C TYR A 293 2.49 22.85 -2.07
N PRO A 294 1.65 23.80 -1.60
CA PRO A 294 1.06 24.76 -2.53
C PRO A 294 2.01 25.79 -3.14
N ASN A 295 3.01 26.26 -2.37
CA ASN A 295 3.99 27.23 -2.88
C ASN A 295 5.38 26.93 -2.32
N PRO A 296 5.98 25.82 -2.77
CA PRO A 296 7.24 25.39 -2.17
C PRO A 296 8.40 26.33 -2.47
N THR A 297 9.35 26.37 -1.54
CA THR A 297 10.61 27.08 -1.74
C THR A 297 11.49 26.29 -2.71
N VAL A 298 12.60 26.90 -3.10
CA VAL A 298 13.44 26.37 -4.18
C VAL A 298 13.88 24.91 -4.04
N GLN A 299 14.42 24.51 -2.88
CA GLN A 299 14.93 23.14 -2.74
C GLN A 299 13.79 22.13 -2.71
N LEU A 300 12.64 22.51 -2.14
CA LEU A 300 11.46 21.63 -2.12
C LEU A 300 10.84 21.45 -3.50
N ARG A 301 10.73 22.55 -4.23
CA ARG A 301 10.21 22.51 -5.58
C ARG A 301 11.04 21.55 -6.45
N LYS A 302 12.35 21.63 -6.33
CA LYS A 302 13.25 20.73 -7.06
C LYS A 302 13.02 19.26 -6.68
N ALA A 303 12.95 19.00 -5.37
CA ALA A 303 12.71 17.64 -4.88
C ALA A 303 11.34 17.11 -5.30
N LEU A 304 10.32 17.96 -5.25
CA LEU A 304 8.99 17.60 -5.73
C LEU A 304 9.02 17.19 -7.20
N ASN A 305 9.62 18.01 -8.05
CA ASN A 305 9.65 17.74 -9.49
C ASN A 305 10.40 16.44 -9.82
N THR A 306 11.50 16.19 -9.14
CA THR A 306 12.26 14.94 -9.32
C THR A 306 11.42 13.72 -8.95
N ASN A 307 10.81 13.76 -7.76
CA ASN A 307 9.98 12.65 -7.29
C ASN A 307 8.70 12.49 -8.13
N LEU A 308 8.17 13.59 -8.65
CA LEU A 308 7.05 13.54 -9.59
C LEU A 308 7.44 12.90 -10.93
N ASP A 309 8.65 13.16 -11.41
CA ASP A 309 9.14 12.47 -12.62
C ASP A 309 9.28 10.97 -12.36
N PHE A 310 9.78 10.62 -11.18
CA PHE A 310 9.92 9.20 -10.80
C PHE A 310 8.55 8.53 -10.69
N LEU A 311 7.60 9.21 -10.06
CA LEU A 311 6.21 8.73 -9.99
C LEU A 311 5.68 8.40 -11.38
N PHE A 312 5.91 9.32 -12.32
CA PHE A 312 5.41 9.13 -13.68
C PHE A 312 6.00 7.90 -14.39
N GLN A 313 7.21 7.49 -14.04
CA GLN A 313 7.77 6.24 -14.56
C GLN A 313 6.91 5.01 -14.26
N GLY A 314 6.23 5.05 -13.10
CA GLY A 314 5.32 3.98 -12.70
C GLY A 314 3.89 4.10 -13.19
N VAL A 315 3.58 5.17 -13.92
CA VAL A 315 2.22 5.40 -14.42
C VAL A 315 2.06 4.59 -15.70
N ALA A 316 0.90 3.94 -15.82
CA ALA A 316 0.61 3.07 -16.96
C ALA A 316 0.70 3.82 -18.28
N ALA A 317 1.19 3.12 -19.30
CA ALA A 317 1.35 3.65 -20.65
C ALA A 317 0.06 4.28 -21.15
N GLY A 318 0.16 5.43 -21.79
CA GLY A 318 -1.00 6.11 -22.36
C GLY A 318 -1.44 7.35 -21.62
N CYS A 319 -1.03 7.51 -20.35
CA CYS A 319 -1.30 8.74 -19.62
C CYS A 319 -0.26 9.80 -19.95
N THR A 320 -0.70 11.04 -19.84
CA THR A 320 0.09 12.22 -20.11
C THR A 320 0.58 12.75 -18.77
N GLN A 321 1.86 13.11 -18.69
CA GLN A 321 2.42 13.66 -17.45
C GLN A 321 1.86 15.06 -17.20
N VAL A 322 1.60 15.37 -15.93
CA VAL A 322 1.15 16.71 -15.52
C VAL A 322 2.22 17.36 -14.65
N PHE A 323 2.29 18.68 -14.72
CA PHE A 323 3.39 19.45 -14.14
C PHE A 323 2.85 20.57 -13.25
N PRO A 324 2.60 20.26 -11.96
CA PRO A 324 2.02 21.26 -11.06
C PRO A 324 2.92 22.44 -10.72
N TYR A 325 4.24 22.28 -10.86
CA TYR A 325 5.21 23.32 -10.53
C TYR A 325 6.02 23.73 -11.77
N GLY A 326 5.42 23.55 -12.95
CA GLY A 326 6.10 23.85 -14.19
C GLY A 326 7.06 22.75 -14.61
N ARG A 327 7.71 22.99 -15.74
CA ARG A 327 8.65 22.05 -16.33
C ARG A 327 10.05 22.23 -15.78
#